data_1Y01
#
_entry.id   1Y01
#
_cell.length_a   69.630
_cell.length_b   69.630
_cell.length_c   140.466
_cell.angle_alpha   90.00
_cell.angle_beta   90.00
_cell.angle_gamma   90.00
#
_symmetry.space_group_name_H-M   'P 41 21 2'
#
loop_
_entity.id
_entity.type
_entity.pdbx_description
1 polymer 'Alpha-hemoglobin stabilizing protein'
2 polymer 'Hemoglobin alpha chain'
3 non-polymer 'PROTOPORPHYRIN IX CONTAINING FE'
4 non-polymer 'OXYGEN MOLECULE'
5 non-polymer 6-[(CYCLOHEXYLACETYL)(2-HYDROXYETHYL)AMINO]-6-DEOXY-D-XYLO-HEXITOL
6 water water
#
loop_
_entity_poly.entity_id
_entity_poly.type
_entity_poly.pdbx_seq_one_letter_code
_entity_poly.pdbx_strand_id
1 'polypeptide(L)'
;MALLKANKDLISAGLKEFSVLLNQQVFNDALVSEEDMVTVVEDWMNFYINYYRQQVTGEPQERDKALQELRQELNTLANP
FLAKYRDFLKSHELPSHPPPSS
;
A
2 'polypeptide(L)'
;MVLSPADKTNVKAAWGKVGAHAGEYGAEALERMFLSFPTTKTYFPHFDLSHGSAQVKGHGKKVADALTNAVAHVDDMPNA
LSALSDLHAHKLRVDPVNFKLLSHCLLVTLAAHLPAEFTPAVHASLDKFLASVSTVLTSKYR
;
B
#
loop_
_chem_comp.id
_chem_comp.type
_chem_comp.name
_chem_comp.formula
CHK non-polymer 6-[(CYCLOHEXYLACETYL)(2-HYDROXYETHYL)AMINO]-6-DEOXY-D-XYLO-HEXITOL 'C16 H31 N O7'
HEM non-polymer 'PROTOPORPHYRIN IX CONTAINING FE' 'C34 H32 Fe N4 O4'
OXY non-polymer 'OXYGEN MOLECULE' O2
#
# COMPACT_ATOMS: atom_id res chain seq x y z
N LEU A 3 -21.32 9.33 -21.49
CA LEU A 3 -20.95 9.01 -20.08
C LEU A 3 -21.18 7.52 -19.82
N LEU A 4 -22.46 7.16 -19.65
CA LEU A 4 -22.89 5.78 -19.38
C LEU A 4 -22.87 5.38 -17.90
N LYS A 5 -24.04 5.43 -17.26
CA LYS A 5 -24.24 5.13 -15.85
C LYS A 5 -23.34 4.13 -15.10
N ALA A 6 -23.39 2.86 -15.49
CA ALA A 6 -22.59 1.81 -14.85
C ALA A 6 -21.26 2.42 -14.49
N ASN A 7 -20.64 3.01 -15.50
CA ASN A 7 -19.36 3.68 -15.32
C ASN A 7 -19.49 4.83 -14.31
N LYS A 8 -20.25 5.87 -14.68
CA LYS A 8 -20.45 7.02 -13.79
C LYS A 8 -20.55 6.62 -12.32
N ASP A 9 -21.32 5.57 -12.05
CA ASP A 9 -21.51 5.11 -10.69
C ASP A 9 -20.24 4.49 -10.16
N LEU A 10 -19.59 3.67 -10.99
CA LEU A 10 -18.35 3.01 -10.64
C LEU A 10 -17.33 4.05 -10.15
N ILE A 11 -17.41 5.25 -10.72
CA ILE A 11 -16.51 6.34 -10.34
C ILE A 11 -16.87 6.86 -8.96
N SER A 12 -18.16 7.08 -8.76
CA SER A 12 -18.65 7.58 -7.47
C SER A 12 -18.17 6.60 -6.41
N ALA A 13 -18.42 5.32 -6.64
CA ALA A 13 -17.99 4.27 -5.72
C ALA A 13 -16.49 4.39 -5.46
N GLY A 14 -15.74 4.63 -6.52
CA GLY A 14 -14.31 4.76 -6.39
C GLY A 14 -13.96 5.97 -5.53
N LEU A 15 -14.20 7.15 -6.05
CA LEU A 15 -13.90 8.40 -5.35
C LEU A 15 -14.14 8.32 -3.85
N LYS A 16 -15.14 7.55 -3.44
CA LYS A 16 -15.47 7.39 -2.03
C LYS A 16 -14.45 6.46 -1.38
N GLU A 17 -14.37 5.25 -1.90
CA GLU A 17 -13.45 4.25 -1.38
C GLU A 17 -12.03 4.79 -1.30
N PHE A 18 -11.66 5.60 -2.28
CA PHE A 18 -10.33 6.18 -2.31
C PHE A 18 -10.21 7.06 -1.08
N SER A 19 -11.12 8.04 -1.01
CA SER A 19 -11.10 8.97 0.08
C SER A 19 -11.28 8.32 1.45
N VAL A 20 -11.84 7.13 1.50
CA VAL A 20 -11.98 6.50 2.79
C VAL A 20 -10.53 6.19 3.22
N LEU A 21 -9.73 5.74 2.25
CA LEU A 21 -8.34 5.38 2.45
C LEU A 21 -7.51 6.58 2.90
N LEU A 22 -7.75 7.72 2.27
CA LEU A 22 -7.03 8.94 2.61
C LEU A 22 -7.28 9.27 4.05
N ASN A 23 -8.53 9.11 4.47
CA ASN A 23 -8.92 9.39 5.84
C ASN A 23 -8.36 8.44 6.84
N GLN A 24 -8.22 7.17 6.47
CA GLN A 24 -7.67 6.25 7.45
C GLN A 24 -6.17 6.47 7.64
N GLN A 25 -5.66 7.57 7.12
CA GLN A 25 -4.24 7.89 7.26
C GLN A 25 -4.01 8.84 8.43
N VAL A 26 -3.31 8.35 9.46
CA VAL A 26 -2.99 9.15 10.66
C VAL A 26 -1.62 9.80 10.51
N PHE A 27 -1.61 11.05 10.06
CA PHE A 27 -0.36 11.76 9.84
C PHE A 27 0.76 11.55 10.85
N ASN A 28 0.42 11.28 12.11
CA ASN A 28 1.48 11.07 13.09
C ASN A 28 2.08 9.69 12.92
N ASP A 29 1.30 8.67 13.24
CA ASP A 29 1.75 7.29 13.09
C ASP A 29 2.69 7.00 11.92
N ALA A 30 2.51 7.70 10.80
CA ALA A 30 3.34 7.44 9.63
C ALA A 30 4.34 8.52 9.22
N LEU A 31 5.48 8.50 9.91
CA LEU A 31 6.58 9.42 9.69
C LEU A 31 7.21 9.22 8.32
N VAL A 32 6.78 10.01 7.34
CA VAL A 32 7.28 9.91 5.97
C VAL A 32 7.63 11.30 5.44
N SER A 33 8.21 11.35 4.24
CA SER A 33 8.65 12.60 3.62
C SER A 33 7.65 13.20 2.62
N GLU A 34 7.76 14.50 2.37
CA GLU A 34 6.89 15.18 1.41
C GLU A 34 7.04 14.45 0.07
N GLU A 35 8.28 14.37 -0.37
CA GLU A 35 8.64 13.71 -1.61
C GLU A 35 8.04 12.32 -1.64
N ASP A 36 8.27 11.57 -0.56
CA ASP A 36 7.78 10.20 -0.46
C ASP A 36 6.28 10.12 -0.48
N MET A 37 5.61 10.98 0.28
CA MET A 37 4.16 10.95 0.31
C MET A 37 3.61 11.10 -1.12
N VAL A 38 4.15 12.04 -1.87
CA VAL A 38 3.70 12.22 -3.23
C VAL A 38 3.82 10.88 -3.93
N THR A 39 4.96 10.22 -3.81
CA THR A 39 5.14 8.94 -4.46
C THR A 39 4.04 7.98 -4.00
N VAL A 40 3.75 7.97 -2.70
CA VAL A 40 2.71 7.08 -2.18
C VAL A 40 1.30 7.33 -2.76
N VAL A 41 0.83 8.57 -2.75
CA VAL A 41 -0.50 8.81 -3.30
C VAL A 41 -0.47 8.42 -4.76
N GLU A 42 0.70 8.56 -5.38
CA GLU A 42 0.87 8.21 -6.79
C GLU A 42 0.63 6.71 -6.94
N ASP A 43 1.28 5.93 -6.08
CA ASP A 43 1.15 4.50 -6.11
C ASP A 43 -0.28 4.10 -5.82
N TRP A 44 -0.97 4.92 -5.05
CA TRP A 44 -2.34 4.62 -4.69
C TRP A 44 -3.33 4.75 -5.84
N MET A 45 -3.30 5.89 -6.52
CA MET A 45 -4.19 6.12 -7.63
C MET A 45 -3.94 5.13 -8.75
N ASN A 46 -2.67 4.78 -8.99
CA ASN A 46 -2.39 3.82 -10.03
C ASN A 46 -3.14 2.56 -9.72
N PHE A 47 -3.11 2.14 -8.46
CA PHE A 47 -3.82 0.93 -8.05
C PHE A 47 -5.31 1.05 -8.35
N TYR A 48 -5.87 2.21 -8.04
CA TYR A 48 -7.28 2.46 -8.27
C TYR A 48 -7.61 2.39 -9.75
N ILE A 49 -6.84 3.09 -10.58
CA ILE A 49 -7.10 3.07 -12.01
C ILE A 49 -6.95 1.64 -12.52
N ASN A 50 -6.18 0.83 -11.81
CA ASN A 50 -6.01 -0.54 -12.26
C ASN A 50 -7.21 -1.38 -11.91
N TYR A 51 -7.62 -1.34 -10.64
CA TYR A 51 -8.78 -2.12 -10.23
C TYR A 51 -9.99 -1.68 -11.02
N TYR A 52 -10.41 -0.45 -10.78
CA TYR A 52 -11.60 0.01 -11.48
C TYR A 52 -11.57 -0.21 -12.97
N ARG A 53 -10.41 -0.20 -13.60
CA ARG A 53 -10.37 -0.45 -15.06
C ARG A 53 -10.88 -1.87 -15.33
N GLN A 54 -10.64 -2.76 -14.39
CA GLN A 54 -11.07 -4.15 -14.50
C GLN A 54 -12.57 -4.26 -14.32
N GLN A 55 -13.15 -3.30 -13.60
CA GLN A 55 -14.59 -3.29 -13.35
C GLN A 55 -15.33 -2.43 -14.37
N VAL A 56 -14.69 -1.39 -14.88
CA VAL A 56 -15.33 -0.50 -15.86
C VAL A 56 -16.04 -1.34 -16.92
N THR A 57 -17.01 -0.76 -17.62
CA THR A 57 -17.76 -1.52 -18.62
C THR A 57 -17.92 -0.94 -20.02
N GLY A 58 -17.95 -1.85 -21.01
CA GLY A 58 -18.16 -1.49 -22.39
C GLY A 58 -17.08 -0.98 -23.32
N GLU A 59 -17.59 -0.39 -24.40
CA GLU A 59 -16.84 0.22 -25.50
C GLU A 59 -15.65 1.04 -25.05
N PRO A 60 -14.65 1.22 -25.93
CA PRO A 60 -13.43 1.99 -25.67
C PRO A 60 -13.67 3.50 -25.57
N GLN A 61 -14.25 4.09 -26.61
CA GLN A 61 -14.52 5.53 -26.62
C GLN A 61 -15.27 5.93 -25.36
N GLU A 62 -15.94 4.97 -24.74
CA GLU A 62 -16.69 5.24 -23.53
C GLU A 62 -15.91 4.83 -22.28
N ARG A 63 -15.28 3.66 -22.33
CA ARG A 63 -14.52 3.16 -21.20
C ARG A 63 -13.29 4.00 -20.87
N ASP A 64 -12.21 3.76 -21.59
CA ASP A 64 -10.98 4.51 -21.36
C ASP A 64 -11.26 5.97 -21.03
N LYS A 65 -12.33 6.51 -21.60
CA LYS A 65 -12.70 7.89 -21.32
C LYS A 65 -13.02 8.03 -19.84
N ALA A 66 -13.68 7.02 -19.29
CA ALA A 66 -14.08 7.01 -17.89
C ALA A 66 -12.88 7.09 -16.95
N LEU A 67 -11.91 6.21 -17.19
CA LEU A 67 -10.72 6.20 -16.37
C LEU A 67 -10.05 7.57 -16.45
N GLN A 68 -10.56 8.42 -17.33
CA GLN A 68 -10.01 9.76 -17.44
C GLN A 68 -10.57 10.52 -16.26
N GLU A 69 -11.90 10.55 -16.17
CA GLU A 69 -12.53 11.22 -15.05
C GLU A 69 -12.04 10.60 -13.77
N LEU A 70 -12.17 9.28 -13.68
CA LEU A 70 -11.73 8.56 -12.49
C LEU A 70 -10.34 8.99 -12.10
N ARG A 71 -9.46 9.10 -13.08
CA ARG A 71 -8.09 9.48 -12.80
C ARG A 71 -7.99 10.94 -12.39
N GLN A 72 -8.92 11.77 -12.87
CA GLN A 72 -8.90 13.18 -12.52
C GLN A 72 -9.53 13.43 -11.18
N GLU A 73 -10.71 12.88 -10.98
CA GLU A 73 -11.39 13.10 -9.72
C GLU A 73 -10.53 12.58 -8.57
N LEU A 74 -9.70 11.57 -8.84
CA LEU A 74 -8.80 11.05 -7.80
C LEU A 74 -7.77 12.14 -7.54
N ASN A 75 -7.25 12.72 -8.63
CA ASN A 75 -6.28 13.81 -8.56
C ASN A 75 -6.83 14.90 -7.70
N THR A 76 -8.01 15.35 -8.07
CA THR A 76 -8.71 16.41 -7.39
C THR A 76 -8.84 16.15 -5.90
N LEU A 77 -8.87 14.88 -5.50
CA LEU A 77 -8.98 14.55 -4.10
C LEU A 77 -7.62 14.55 -3.41
N ALA A 78 -6.66 13.91 -4.07
CA ALA A 78 -5.31 13.80 -3.54
C ALA A 78 -4.60 15.13 -3.33
N ASN A 79 -4.70 16.04 -4.29
CA ASN A 79 -4.02 17.31 -4.15
C ASN A 79 -4.22 17.95 -2.78
N PRO A 80 -5.47 18.03 -2.31
CA PRO A 80 -5.77 18.63 -1.01
C PRO A 80 -5.06 17.85 0.10
N PHE A 81 -5.32 16.55 0.14
CA PHE A 81 -4.70 15.63 1.10
C PHE A 81 -3.20 15.83 1.18
N LEU A 82 -2.61 16.21 0.06
CA LEU A 82 -1.18 16.41 0.00
C LEU A 82 -0.81 17.73 0.62
N ALA A 83 -1.58 18.78 0.33
CA ALA A 83 -1.31 20.09 0.91
C ALA A 83 -1.36 19.92 2.43
N LYS A 84 -2.30 19.13 2.90
CA LYS A 84 -2.41 18.87 4.32
C LYS A 84 -1.03 18.38 4.77
N TYR A 85 -0.73 17.10 4.54
CA TYR A 85 0.57 16.55 4.92
C TYR A 85 1.69 17.53 4.64
N ARG A 86 1.57 18.26 3.54
CA ARG A 86 2.60 19.23 3.22
C ARG A 86 2.78 19.98 4.53
N ASP A 87 1.84 20.89 4.78
CA ASP A 87 1.79 21.75 5.96
C ASP A 87 1.82 21.06 7.31
N PHE A 88 1.43 19.80 7.35
CA PHE A 88 1.45 19.04 8.60
C PHE A 88 2.87 18.80 9.02
N LEU A 89 3.69 18.35 8.07
CA LEU A 89 5.10 18.08 8.37
C LEU A 89 5.77 19.35 8.85
N LYS A 90 5.33 20.49 8.28
CA LYS A 90 5.88 21.79 8.63
C LYS A 90 5.23 22.45 9.88
N SER A 91 4.73 21.62 10.81
CA SER A 91 4.09 22.14 12.02
C SER A 91 4.92 21.95 13.30
N LEU B 3 -9.85 -0.80 13.58
CA LEU B 3 -9.10 -2.09 13.56
C LEU B 3 -10.20 -3.12 13.35
N SER B 4 -11.13 -2.73 12.50
CA SER B 4 -12.33 -3.50 12.15
C SER B 4 -12.25 -5.02 12.00
N PRO B 5 -13.38 -5.71 12.20
CA PRO B 5 -13.45 -7.17 12.07
C PRO B 5 -13.54 -7.56 10.61
N ALA B 6 -14.19 -6.71 9.84
CA ALA B 6 -14.34 -6.93 8.41
C ALA B 6 -12.91 -6.99 7.91
N ASP B 7 -12.15 -5.98 8.32
CA ASP B 7 -10.75 -5.85 7.97
C ASP B 7 -10.10 -7.20 8.20
N LYS B 8 -10.23 -7.71 9.41
CA LYS B 8 -9.66 -9.00 9.81
C LYS B 8 -9.97 -10.13 8.82
N THR B 9 -11.16 -10.11 8.24
CA THR B 9 -11.56 -11.14 7.28
C THR B 9 -10.82 -10.95 5.96
N ASN B 10 -10.65 -9.69 5.58
CA ASN B 10 -9.94 -9.36 4.35
C ASN B 10 -8.49 -9.81 4.43
N VAL B 11 -7.83 -9.47 5.54
CA VAL B 11 -6.44 -9.82 5.76
C VAL B 11 -6.15 -11.31 5.63
N LYS B 12 -6.82 -12.13 6.44
CA LYS B 12 -6.60 -13.57 6.40
C LYS B 12 -6.79 -14.10 4.98
N ALA B 13 -7.86 -13.64 4.35
CA ALA B 13 -8.20 -14.05 2.99
C ALA B 13 -7.07 -13.76 2.02
N ALA B 14 -6.72 -12.48 1.92
CA ALA B 14 -5.66 -11.99 1.05
C ALA B 14 -4.37 -12.78 1.24
N TRP B 15 -3.87 -12.81 2.46
CA TRP B 15 -2.64 -13.52 2.75
C TRP B 15 -2.75 -15.00 2.36
N GLY B 16 -3.86 -15.62 2.74
CA GLY B 16 -4.04 -17.03 2.41
C GLY B 16 -3.89 -17.22 0.92
N LYS B 17 -4.28 -16.21 0.16
CA LYS B 17 -4.15 -16.29 -1.28
C LYS B 17 -2.65 -16.23 -1.58
N VAL B 18 -1.93 -15.34 -0.90
CA VAL B 18 -0.49 -15.21 -1.09
C VAL B 18 0.14 -16.57 -0.86
N GLY B 19 -0.07 -17.08 0.34
CA GLY B 19 0.47 -18.37 0.71
C GLY B 19 1.93 -18.58 0.36
N ALA B 20 2.17 -19.52 -0.56
CA ALA B 20 3.52 -19.92 -0.97
C ALA B 20 4.48 -18.87 -1.57
N HIS B 21 4.08 -17.61 -1.59
CA HIS B 21 4.92 -16.56 -2.17
C HIS B 21 5.36 -15.44 -1.24
N ALA B 22 5.00 -15.56 0.03
CA ALA B 22 5.37 -14.58 1.04
C ALA B 22 6.85 -14.16 0.90
N GLY B 23 7.75 -15.12 1.01
CA GLY B 23 9.16 -14.81 0.87
C GLY B 23 9.46 -14.00 -0.39
N GLU B 24 9.14 -14.55 -1.56
CA GLU B 24 9.38 -13.86 -2.82
C GLU B 24 8.84 -12.45 -2.75
N TYR B 25 7.62 -12.32 -2.29
CA TYR B 25 6.99 -11.01 -2.19
C TYR B 25 7.70 -10.12 -1.17
N GLY B 26 8.25 -10.72 -0.12
CA GLY B 26 8.94 -9.93 0.87
C GLY B 26 10.08 -9.20 0.18
N ALA B 27 10.88 -9.95 -0.57
CA ALA B 27 12.02 -9.38 -1.27
C ALA B 27 11.59 -8.36 -2.29
N GLU B 28 10.62 -8.74 -3.10
CA GLU B 28 10.15 -7.85 -4.13
C GLU B 28 9.79 -6.50 -3.55
N ALA B 29 9.16 -6.53 -2.38
CA ALA B 29 8.76 -5.30 -1.69
C ALA B 29 9.99 -4.45 -1.40
N LEU B 30 10.95 -5.04 -0.70
CA LEU B 30 12.18 -4.33 -0.35
C LEU B 30 12.77 -3.66 -1.58
N GLU B 31 12.75 -4.38 -2.68
CA GLU B 31 13.28 -3.88 -3.93
C GLU B 31 12.54 -2.63 -4.43
N ARG B 32 11.22 -2.65 -4.36
CA ARG B 32 10.40 -1.53 -4.81
C ARG B 32 10.74 -0.30 -3.97
N MET B 33 10.99 -0.56 -2.69
CA MET B 33 11.32 0.50 -1.75
C MET B 33 12.58 1.21 -2.21
N PHE B 34 13.61 0.41 -2.46
CA PHE B 34 14.92 0.92 -2.88
C PHE B 34 14.83 1.64 -4.22
N LEU B 35 13.76 1.37 -4.95
CA LEU B 35 13.56 2.02 -6.25
C LEU B 35 12.67 3.24 -6.13
N SER B 36 11.51 3.06 -5.51
CA SER B 36 10.58 4.16 -5.36
C SER B 36 11.02 5.17 -4.33
N PHE B 37 11.88 4.73 -3.42
CA PHE B 37 12.40 5.59 -2.36
C PHE B 37 13.92 5.48 -2.31
N PRO B 38 14.58 5.78 -3.42
CA PRO B 38 16.04 5.74 -3.61
C PRO B 38 16.88 6.03 -2.38
N THR B 39 16.63 7.19 -1.79
CA THR B 39 17.34 7.65 -0.61
C THR B 39 17.32 6.59 0.50
N THR B 40 16.43 5.63 0.41
CA THR B 40 16.35 4.56 1.42
C THR B 40 17.65 3.79 1.48
N LYS B 41 18.26 3.57 0.32
CA LYS B 41 19.53 2.82 0.20
C LYS B 41 20.59 3.41 1.12
N THR B 42 20.72 4.73 1.06
CA THR B 42 21.65 5.50 1.86
C THR B 42 21.93 4.97 3.26
N TYR B 43 20.88 4.60 3.98
CA TYR B 43 21.06 4.12 5.33
C TYR B 43 21.72 2.75 5.32
N PHE B 44 22.10 2.24 4.15
CA PHE B 44 22.69 0.91 4.11
C PHE B 44 23.91 0.79 3.21
N PRO B 45 25.11 0.90 3.81
CA PRO B 45 26.33 0.79 3.03
C PRO B 45 27.15 -0.40 3.47
N HIS B 46 26.60 -1.23 4.33
CA HIS B 46 27.30 -2.40 4.83
C HIS B 46 26.50 -3.63 4.52
N PHE B 47 25.62 -3.51 3.54
CA PHE B 47 24.80 -4.65 3.18
C PHE B 47 24.59 -4.69 1.68
N ASP B 48 24.36 -5.89 1.15
CA ASP B 48 24.14 -6.02 -0.28
C ASP B 48 22.71 -5.68 -0.64
N LEU B 49 22.54 -4.57 -1.35
CA LEU B 49 21.22 -4.13 -1.76
C LEU B 49 21.04 -4.31 -3.25
N SER B 50 21.87 -5.18 -3.84
CA SER B 50 21.80 -5.40 -5.28
C SER B 50 20.65 -6.34 -5.61
N HIS B 51 20.23 -6.32 -6.88
CA HIS B 51 19.11 -7.16 -7.28
C HIS B 51 19.47 -8.63 -7.18
N GLY B 52 18.79 -9.30 -6.25
CA GLY B 52 19.01 -10.71 -6.06
C GLY B 52 19.93 -10.93 -4.88
N SER B 53 20.29 -9.86 -4.17
CA SER B 53 21.17 -10.05 -3.05
C SER B 53 20.55 -11.14 -2.18
N ALA B 54 21.40 -11.86 -1.46
CA ALA B 54 20.93 -12.94 -0.60
C ALA B 54 20.40 -12.37 0.70
N GLN B 55 20.94 -11.22 1.10
CA GLN B 55 20.54 -10.60 2.33
C GLN B 55 19.09 -10.16 2.19
N VAL B 56 18.79 -9.56 1.06
CA VAL B 56 17.45 -9.10 0.77
C VAL B 56 16.52 -10.31 0.68
N LYS B 57 16.97 -11.36 -0.01
CA LYS B 57 16.17 -12.58 -0.15
C LYS B 57 15.93 -13.14 1.23
N GLY B 58 16.92 -12.98 2.09
CA GLY B 58 16.82 -13.47 3.44
C GLY B 58 15.86 -12.61 4.24
N HIS B 59 16.05 -11.30 4.16
CA HIS B 59 15.19 -10.41 4.91
C HIS B 59 13.77 -10.33 4.40
N GLY B 60 13.54 -10.88 3.20
CA GLY B 60 12.20 -10.88 2.65
C GLY B 60 11.47 -12.01 3.34
N LYS B 61 12.13 -13.15 3.43
CA LYS B 61 11.57 -14.31 4.09
C LYS B 61 11.23 -13.93 5.52
N LYS B 62 12.07 -13.10 6.14
CA LYS B 62 11.85 -12.67 7.51
C LYS B 62 10.58 -11.87 7.64
N VAL B 63 10.49 -10.79 6.87
CA VAL B 63 9.31 -9.94 6.90
C VAL B 63 8.06 -10.73 6.51
N ALA B 64 8.22 -11.78 5.71
CA ALA B 64 7.06 -12.57 5.33
C ALA B 64 6.64 -13.36 6.56
N ASP B 65 7.40 -14.42 6.85
CA ASP B 65 7.17 -15.28 8.01
C ASP B 65 6.60 -14.45 9.16
N ALA B 66 7.25 -13.33 9.44
CA ALA B 66 6.79 -12.44 10.50
C ALA B 66 5.34 -12.11 10.21
N LEU B 67 5.11 -11.43 9.08
CA LEU B 67 3.74 -11.07 8.70
C LEU B 67 2.73 -12.19 8.86
N THR B 68 3.11 -13.41 8.47
CA THR B 68 2.20 -14.54 8.58
C THR B 68 1.76 -14.71 10.03
N ASN B 69 2.73 -14.76 10.93
CA ASN B 69 2.48 -14.89 12.36
C ASN B 69 1.52 -13.77 12.77
N ALA B 70 1.98 -12.54 12.61
CA ALA B 70 1.21 -11.36 12.92
C ALA B 70 -0.22 -11.49 12.41
N VAL B 71 -0.43 -12.42 11.49
CA VAL B 71 -1.75 -12.64 10.93
C VAL B 71 -2.51 -13.60 11.84
N ALA B 72 -1.89 -14.72 12.18
CA ALA B 72 -2.54 -15.69 13.06
C ALA B 72 -3.01 -15.01 14.33
N HIS B 73 -2.12 -14.22 14.93
CA HIS B 73 -2.42 -13.53 16.18
C HIS B 73 -2.99 -12.12 16.02
N VAL B 74 -3.94 -11.93 15.10
CA VAL B 74 -4.51 -10.61 14.93
C VAL B 74 -5.51 -10.25 16.05
N ASP B 76 -2.75 -9.45 19.87
CA ASP B 76 -1.55 -10.22 20.18
C ASP B 76 -0.53 -10.17 19.07
N MET B 77 -0.32 -8.97 18.54
CA MET B 77 0.70 -8.75 17.54
C MET B 77 1.72 -8.08 18.44
N PRO B 78 1.24 -7.18 19.31
CA PRO B 78 2.22 -6.56 20.19
C PRO B 78 2.57 -7.57 21.33
N ASN B 79 2.12 -8.82 21.17
CA ASN B 79 2.32 -9.92 22.12
C ASN B 79 2.90 -11.05 21.21
N ALA B 80 2.78 -10.80 19.89
CA ALA B 80 3.29 -11.71 18.88
C ALA B 80 4.76 -11.32 18.69
N LEU B 81 4.94 -10.00 18.57
CA LEU B 81 6.23 -9.31 18.35
C LEU B 81 6.05 -7.88 17.72
N ARG B 93 18.81 -0.88 15.59
CA ARG B 93 18.07 0.36 15.53
C ARG B 93 17.30 0.45 14.22
N VAL B 94 17.83 1.23 13.26
CA VAL B 94 17.22 1.41 11.94
C VAL B 94 16.06 2.41 11.90
N ASP B 95 16.24 3.53 11.20
CA ASP B 95 15.19 4.55 11.10
C ASP B 95 13.81 3.93 10.82
N PRO B 96 12.77 4.39 11.56
CA PRO B 96 11.37 3.94 11.45
C PRO B 96 10.77 3.99 10.05
N VAL B 97 11.00 5.09 9.36
CA VAL B 97 10.47 5.29 8.04
C VAL B 97 10.65 4.10 7.11
N ASN B 98 11.65 3.27 7.36
CA ASN B 98 11.87 2.12 6.52
C ASN B 98 10.71 1.15 6.66
N PHE B 99 10.23 1.01 7.89
CA PHE B 99 9.13 0.11 8.17
C PHE B 99 7.81 0.61 7.66
N LYS B 100 7.68 1.95 7.65
CA LYS B 100 6.46 2.56 7.16
C LYS B 100 6.45 2.32 5.66
N LEU B 101 7.55 2.66 5.01
CA LEU B 101 7.67 2.48 3.57
C LEU B 101 7.71 1.02 3.13
N LEU B 102 8.32 0.14 3.91
CA LEU B 102 8.31 -1.25 3.50
C LEU B 102 6.85 -1.63 3.29
N SER B 103 6.05 -1.42 4.33
CA SER B 103 4.62 -1.74 4.28
C SER B 103 3.97 -1.20 3.02
N HIS B 104 4.15 0.08 2.75
CA HIS B 104 3.55 0.63 1.56
C HIS B 104 3.83 -0.21 0.32
N CYS B 105 5.10 -0.53 0.11
CA CYS B 105 5.51 -1.32 -1.04
C CYS B 105 4.91 -2.71 -0.97
N LEU B 106 4.87 -3.23 0.25
CA LEU B 106 4.33 -4.56 0.49
C LEU B 106 2.93 -4.61 -0.06
N LEU B 107 2.20 -3.52 0.16
CA LEU B 107 0.85 -3.45 -0.35
C LEU B 107 0.96 -3.51 -1.87
N VAL B 108 1.63 -2.51 -2.44
CA VAL B 108 1.82 -2.48 -3.89
C VAL B 108 2.12 -3.86 -4.45
N THR B 109 3.08 -4.54 -3.84
CA THR B 109 3.46 -5.87 -4.32
C THR B 109 2.26 -6.81 -4.34
N LEU B 110 1.53 -6.88 -3.24
CA LEU B 110 0.36 -7.75 -3.16
C LEU B 110 -0.69 -7.38 -4.22
N ALA B 111 -1.02 -6.11 -4.31
CA ALA B 111 -2.00 -5.66 -5.29
C ALA B 111 -1.58 -5.97 -6.74
N ALA B 112 -0.28 -6.02 -7.00
CA ALA B 112 0.23 -6.28 -8.34
C ALA B 112 0.25 -7.76 -8.71
N HIS B 113 0.27 -8.61 -7.70
CA HIS B 113 0.29 -10.06 -7.89
C HIS B 113 -1.08 -10.67 -7.74
N LEU B 114 -2.00 -9.90 -7.17
CA LEU B 114 -3.37 -10.33 -6.93
C LEU B 114 -4.33 -9.23 -7.31
N PRO B 115 -4.20 -8.71 -8.53
CA PRO B 115 -5.10 -7.64 -8.96
C PRO B 115 -6.57 -8.00 -8.80
N ALA B 116 -6.87 -9.29 -8.76
CA ALA B 116 -8.24 -9.76 -8.61
C ALA B 116 -8.73 -9.62 -7.18
N GLU B 117 -7.98 -10.20 -6.26
CA GLU B 117 -8.33 -10.17 -4.83
C GLU B 117 -8.35 -8.79 -4.18
N PHE B 118 -7.60 -7.85 -4.73
CA PHE B 118 -7.54 -6.56 -4.11
C PHE B 118 -8.53 -5.52 -4.56
N THR B 119 -9.68 -5.54 -3.89
CA THR B 119 -10.75 -4.58 -4.16
C THR B 119 -10.41 -3.38 -3.28
N PRO B 120 -10.69 -2.16 -3.76
CA PRO B 120 -10.42 -0.90 -3.04
C PRO B 120 -10.58 -1.00 -1.53
N ALA B 121 -11.36 -1.98 -1.11
CA ALA B 121 -11.63 -2.23 0.31
C ALA B 121 -10.57 -3.14 0.90
N VAL B 122 -10.44 -4.34 0.36
CA VAL B 122 -9.43 -5.29 0.85
C VAL B 122 -8.08 -4.58 0.95
N HIS B 123 -7.85 -3.68 0.00
CA HIS B 123 -6.64 -2.90 -0.07
C HIS B 123 -6.53 -2.05 1.17
N ALA B 124 -7.53 -1.19 1.38
CA ALA B 124 -7.54 -0.33 2.53
C ALA B 124 -7.45 -1.14 3.82
N SER B 125 -8.06 -2.30 3.83
CA SER B 125 -8.04 -3.16 5.02
C SER B 125 -6.65 -3.70 5.30
N LEU B 126 -5.83 -3.78 4.26
CA LEU B 126 -4.46 -4.29 4.39
C LEU B 126 -3.55 -3.15 4.75
N ASP B 127 -3.83 -2.00 4.15
CA ASP B 127 -3.03 -0.83 4.42
C ASP B 127 -3.01 -0.64 5.92
N LYS B 128 -4.19 -0.57 6.51
CA LYS B 128 -4.36 -0.39 7.95
C LYS B 128 -3.55 -1.46 8.69
N PHE B 129 -3.80 -2.71 8.34
CA PHE B 129 -3.13 -3.84 8.95
C PHE B 129 -1.60 -3.71 8.93
N LEU B 130 -1.06 -3.27 7.79
CA LEU B 130 0.38 -3.12 7.66
C LEU B 130 0.87 -1.87 8.34
N ALA B 131 -0.01 -0.89 8.53
CA ALA B 131 0.35 0.37 9.17
C ALA B 131 0.43 0.20 10.68
N SER B 132 -0.11 -0.91 11.16
CA SER B 132 -0.11 -1.22 12.58
C SER B 132 1.11 -2.08 12.85
N VAL B 133 1.26 -3.13 12.06
CA VAL B 133 2.42 -4.02 12.20
C VAL B 133 3.62 -3.11 12.05
N SER B 134 3.47 -2.09 11.20
CA SER B 134 4.50 -1.11 10.97
C SER B 134 4.77 -0.41 12.31
N THR B 135 3.70 0.01 12.97
CA THR B 135 3.83 0.71 14.22
C THR B 135 4.32 -0.13 15.39
N VAL B 136 3.78 -1.32 15.58
CA VAL B 136 4.23 -2.17 16.69
C VAL B 136 5.73 -2.42 16.57
N LEU B 137 6.27 -2.16 15.39
CA LEU B 137 7.69 -2.33 15.15
C LEU B 137 8.45 -1.08 15.52
N THR B 138 8.06 0.04 14.95
CA THR B 138 8.73 1.29 15.26
C THR B 138 8.16 2.08 16.43
N SER B 139 7.11 1.56 17.07
CA SER B 139 6.57 2.22 18.27
C SER B 139 7.59 1.71 19.26
N LYS B 140 8.30 0.64 18.86
CA LYS B 140 9.32 -0.05 19.66
C LYS B 140 10.22 1.16 19.70
CHA HEM C . 18.33 -7.57 11.46
CHB HEM C . 13.86 -9.18 11.43
CHC HEM C . 12.53 -5.59 8.72
CHD HEM C . 17.03 -3.87 8.70
C1A HEM C . 17.23 -8.32 11.66
C2A HEM C . 17.19 -9.61 12.32
C3A HEM C . 15.93 -10.03 12.30
C4A HEM C . 15.17 -9.05 11.64
CMA HEM C . 15.34 -11.29 12.86
CAA HEM C . 18.37 -10.42 12.90
CBA HEM C . 18.87 -11.09 11.64
CGA HEM C . 19.96 -12.11 11.43
O1A HEM C . 19.47 -13.24 11.22
O2A HEM C . 21.19 -11.82 11.31
C1B HEM C . 13.10 -8.38 10.75
C2B HEM C . 11.69 -8.61 10.55
C3B HEM C . 11.31 -7.55 9.75
C4B HEM C . 12.49 -6.75 9.49
CMB HEM C . 10.91 -9.79 11.11
CAB HEM C . 10.01 -7.24 9.18
CBB HEM C . 8.82 -7.31 9.76
C1C HEM C . 13.62 -4.79 8.44
C2C HEM C . 13.61 -3.60 7.59
C3C HEM C . 14.89 -3.11 7.60
C4C HEM C . 15.67 -4.00 8.43
CMC HEM C . 12.39 -3.06 6.90
CAC HEM C . 15.44 -1.93 6.91
CBC HEM C . 15.45 -1.71 5.61
C1D HEM C . 17.81 -4.70 9.48
C2D HEM C . 19.23 -4.51 9.68
C3D HEM C . 19.67 -5.56 10.49
C4D HEM C . 18.46 -6.39 10.75
CMD HEM C . 20.04 -3.37 9.10
CAD HEM C . 21.13 -5.75 10.94
CBD HEM C . 21.56 -7.20 11.26
CGD HEM C . 23.07 -7.33 11.60
O1D HEM C . 23.61 -8.49 11.57
O2D HEM C . 23.71 -6.26 11.81
NA HEM C . 15.95 -8.05 11.22
NB HEM C . 13.54 -7.25 10.12
NC HEM C . 14.87 -4.97 8.90
ND HEM C . 17.39 -5.81 10.11
FE HEM C . 15.46 -6.47 10.10
O1 OXY D . 14.63 -5.05 12.29
O2 OXY D . 14.61 -3.89 12.77
OX1 CHK E . 21.09 -5.95 6.80
CX1 CHK E . 20.63 -7.01 6.58
CX2 CHK E . 19.51 -7.14 5.54
CX3 CHK E . 19.20 -5.84 4.77
CX4 CHK E . 17.88 -6.04 3.99
CX5 CHK E . 17.44 -4.81 3.15
CX6 CHK E . 17.60 -3.47 3.91
CX7 CHK E . 18.98 -3.32 4.52
CX8 CHK E . 19.21 -4.46 5.56
NX1 CHK E . 21.14 -8.07 7.24
CX9 CHK E . 22.26 -7.94 8.26
CXA CHK E . 22.89 -9.34 8.69
OX2 CHK E . 24.19 -9.56 8.09
CXB CHK E . 20.77 -9.39 6.93
CXC CHK E . 20.11 -10.50 7.68
OX3 CHK E . 18.74 -10.27 7.84
CXD CHK E . 20.51 -11.48 6.60
OX4 CHK E . 21.96 -11.49 6.59
CXE CHK E . 20.31 -12.97 6.68
OX5 CHK E . 18.97 -13.42 6.84
CXF CHK E . 20.93 -13.44 5.26
OX6 CHK E . 22.28 -13.00 4.90
CXG CHK E . 20.96 -14.92 5.04
OX7 CHK E . 21.58 -15.11 3.75
#